data_5VH0
#
_entry.id   5VH0
#
_cell.length_a   35.023
_cell.length_b   76.995
_cell.length_c   35.099
_cell.angle_alpha   90.00
_cell.angle_beta   90.00
_cell.angle_gamma   90.00
#
_symmetry.space_group_name_H-M   'P 1 2 1'
#
loop_
_entity.id
_entity.type
_entity.pdbx_description
1 polymer Tetrabrachion
2 non-polymer pyrene
3 non-polymer 1,2-ETHANEDIOL
4 water water
#
_entity_poly.entity_id   1
_entity_poly.type   'polypeptide(L)'
_entity_poly.pdbx_seq_one_letter_code
;GSIINETADDIVYRLTVIIDDRYESLKNLITLRADRLEMIINDNVSTILASI
;
_entity_poly.pdbx_strand_id   A,B,C,D
#
loop_
_chem_comp.id
_chem_comp.type
_chem_comp.name
_chem_comp.formula
8P0 non-polymer pyrene 'C16 H10'
EDO non-polymer 1,2-ETHANEDIOL 'C2 H6 O2'
#
# COMPACT_ATOMS: atom_id res chain seq x y z
N ILE A 4 -5.73 -14.34 32.67
CA ILE A 4 -5.69 -13.97 31.27
C ILE A 4 -4.41 -13.17 30.99
N ASN A 5 -3.62 -12.95 32.05
CA ASN A 5 -2.38 -12.20 31.90
C ASN A 5 -1.39 -12.94 31.00
N GLU A 6 -1.33 -14.26 31.12
CA GLU A 6 -0.45 -15.04 30.24
C GLU A 6 -0.87 -14.89 28.79
N THR A 7 -2.18 -14.81 28.53
CA THR A 7 -2.66 -14.54 27.18
C THR A 7 -2.19 -13.19 26.70
N ALA A 8 -2.40 -12.15 27.51
CA ALA A 8 -1.88 -10.82 27.20
C ALA A 8 -0.40 -10.89 26.84
N ASP A 9 0.40 -11.54 27.70
CA ASP A 9 1.82 -11.68 27.43
C ASP A 9 2.08 -12.30 26.07
N ASP A 10 1.33 -13.35 25.72
CA ASP A 10 1.54 -14.01 24.45
C ASP A 10 1.16 -13.10 23.29
N ILE A 11 0.06 -12.35 23.44
CA ILE A 11 -0.34 -11.40 22.39
C ILE A 11 0.78 -10.41 22.13
N VAL A 12 1.27 -9.76 23.20
CA VAL A 12 2.31 -8.75 23.02
C VAL A 12 3.57 -9.38 22.43
N TYR A 13 3.98 -10.52 22.97
CA TYR A 13 5.20 -11.16 22.47
C TYR A 13 5.10 -11.46 20.98
N ARG A 14 3.99 -12.09 20.56
CA ARG A 14 3.86 -12.51 19.17
C ARG A 14 3.91 -11.31 18.23
N LEU A 15 3.22 -10.22 18.58
CA LEU A 15 3.24 -9.05 17.71
C LEU A 15 4.56 -8.29 17.83
N THR A 16 5.23 -8.37 18.98
CA THR A 16 6.57 -7.79 19.08
C THR A 16 7.54 -8.47 18.13
N VAL A 17 7.49 -9.80 18.06
CA VAL A 17 8.32 -10.53 17.10
C VAL A 17 8.03 -10.03 15.69
N ILE A 18 6.75 -9.93 15.33
CA ILE A 18 6.37 -9.46 14.00
C ILE A 18 6.91 -8.06 13.75
N ILE A 19 6.60 -7.13 14.66
CA ILE A 19 7.05 -5.76 14.50
C ILE A 19 8.57 -5.70 14.40
N ASP A 20 9.26 -6.45 15.27
CA ASP A 20 10.73 -6.43 15.25
C ASP A 20 11.26 -6.93 13.91
N ASP A 21 10.68 -8.01 13.39
CA ASP A 21 11.14 -8.57 12.12
C ASP A 21 10.98 -7.57 10.97
N ARG A 22 9.80 -6.98 10.83
CA ARG A 22 9.60 -6.01 9.75
C ARG A 22 10.52 -4.80 9.93
N TYR A 23 10.77 -4.40 11.18
CA TYR A 23 11.70 -3.30 11.46
C TYR A 23 13.10 -3.61 10.92
N GLU A 24 13.66 -4.74 11.34
CA GLU A 24 15.01 -5.10 10.89
C GLU A 24 15.06 -5.17 9.37
N SER A 25 14.01 -5.69 8.74
CA SER A 25 13.99 -5.77 7.29
C SER A 25 14.02 -4.37 6.66
N LEU A 26 13.20 -3.45 7.17
CA LEU A 26 13.20 -2.09 6.61
C LEU A 26 14.53 -1.40 6.84
N LYS A 27 15.12 -1.56 8.03
CA LYS A 27 16.46 -1.04 8.27
C LYS A 27 17.45 -1.58 7.25
N ASN A 28 17.48 -2.90 7.09
CA ASN A 28 18.37 -3.52 6.11
C ASN A 28 18.17 -2.95 4.73
N LEU A 29 16.91 -2.79 4.31
CA LEU A 29 16.64 -2.28 2.96
C LEU A 29 17.10 -0.83 2.83
N ILE A 30 16.79 0.01 3.82
CA ILE A 30 17.24 1.40 3.78
C ILE A 30 18.76 1.44 3.69
N THR A 31 19.45 0.66 4.52
CA THR A 31 20.90 0.59 4.48
C THR A 31 21.38 0.11 3.13
N LEU A 32 20.74 -0.94 2.59
CA LEU A 32 21.13 -1.47 1.30
C LEU A 32 21.07 -0.41 0.21
N ARG A 33 19.95 0.29 0.08
CA ARG A 33 19.82 1.22 -1.03
C ARG A 33 20.73 2.44 -0.84
N ALA A 34 21.00 2.82 0.41
CA ALA A 34 21.80 4.02 0.66
C ALA A 34 23.25 3.76 0.34
N ASP A 35 23.77 2.62 0.82
CA ASP A 35 25.12 2.22 0.47
C ASP A 35 25.32 2.23 -1.04
N ARG A 36 24.33 1.71 -1.78
CA ARG A 36 24.47 1.62 -3.23
C ARG A 36 24.39 2.99 -3.88
N LEU A 37 23.49 3.86 -3.42
CA LEU A 37 23.45 5.22 -3.95
C LEU A 37 24.79 5.91 -3.76
N GLU A 38 25.37 5.78 -2.56
CA GLU A 38 26.70 6.33 -2.32
C GLU A 38 27.72 5.75 -3.28
N MET A 39 27.72 4.42 -3.45
CA MET A 39 28.66 3.80 -4.38
C MET A 39 28.48 4.35 -5.79
N ILE A 40 27.24 4.41 -6.27
CA ILE A 40 26.97 4.92 -7.61
C ILE A 40 27.48 6.33 -7.75
N ILE A 41 27.13 7.20 -6.81
CA ILE A 41 27.56 8.60 -6.88
C ILE A 41 29.08 8.68 -6.95
N ASN A 42 29.77 8.00 -6.03
CA ASN A 42 31.22 8.08 -6.00
C ASN A 42 31.85 7.49 -7.26
N ASP A 43 31.23 6.46 -7.83
CA ASP A 43 31.71 5.94 -9.11
C ASP A 43 31.59 6.98 -10.21
N ASN A 44 30.40 7.60 -10.34
CA ASN A 44 30.19 8.56 -11.41
C ASN A 44 31.11 9.77 -11.27
N VAL A 45 31.31 10.24 -10.05
CA VAL A 45 32.24 11.35 -9.83
C VAL A 45 33.63 10.99 -10.36
N SER A 46 34.04 9.74 -10.19
CA SER A 46 35.34 9.31 -10.69
C SER A 46 35.39 9.37 -12.21
N THR A 47 34.28 9.12 -12.88
CA THR A 47 34.25 9.17 -14.34
C THR A 47 34.26 10.61 -14.84
N ILE A 48 33.36 11.45 -14.31
CA ILE A 48 33.36 12.86 -14.68
C ILE A 48 34.75 13.46 -14.52
N LEU A 49 35.38 13.21 -13.37
CA LEU A 49 36.73 13.71 -13.14
C LEU A 49 37.76 12.95 -13.97
N ALA A 50 37.49 11.69 -14.31
CA ALA A 50 38.45 10.93 -15.10
C ALA A 50 38.50 11.44 -16.54
N SER A 51 37.35 11.68 -17.15
CA SER A 51 37.27 12.15 -18.52
C SER A 51 37.41 13.66 -18.66
N ILE A 52 37.59 14.37 -17.55
CA ILE A 52 37.77 15.82 -17.60
C ILE A 52 36.73 16.52 -16.72
N ASN B 5 -8.38 -19.68 23.37
CA ASN B 5 -7.68 -18.43 23.10
C ASN B 5 -7.83 -18.02 21.63
N GLU B 6 -8.98 -18.37 21.04
CA GLU B 6 -9.24 -17.99 19.65
C GLU B 6 -9.27 -16.48 19.49
N THR B 7 -9.81 -15.76 20.48
CA THR B 7 -9.81 -14.31 20.43
C THR B 7 -8.38 -13.77 20.35
N ALA B 8 -7.48 -14.32 21.17
CA ALA B 8 -6.08 -13.94 21.10
C ALA B 8 -5.53 -14.14 19.69
N ASP B 9 -5.81 -15.31 19.10
CA ASP B 9 -5.33 -15.58 17.74
C ASP B 9 -5.83 -14.53 16.76
N ASP B 10 -7.11 -14.16 16.86
CA ASP B 10 -7.67 -13.21 15.90
C ASP B 10 -7.06 -11.82 16.07
N ILE B 11 -6.82 -11.42 17.33
CA ILE B 11 -6.16 -10.14 17.58
C ILE B 11 -4.80 -10.11 16.90
N VAL B 12 -3.97 -11.12 17.19
CA VAL B 12 -2.64 -11.19 16.57
C VAL B 12 -2.77 -11.22 15.05
N TYR B 13 -3.65 -12.08 14.53
CA TYR B 13 -3.79 -12.20 13.09
C TYR B 13 -4.19 -10.87 12.46
N ARG B 14 -5.23 -10.23 13.00
CA ARG B 14 -5.72 -8.99 12.40
C ARG B 14 -4.64 -7.92 12.38
N LEU B 15 -3.86 -7.80 13.45
CA LEU B 15 -2.80 -6.80 13.49
C LEU B 15 -1.58 -7.22 12.67
N THR B 16 -1.33 -8.53 12.55
CA THR B 16 -0.27 -8.99 11.67
C THR B 16 -0.55 -8.61 10.22
N VAL B 17 -1.80 -8.78 9.78
CA VAL B 17 -2.18 -8.38 8.43
C VAL B 17 -1.92 -6.89 8.24
N ILE B 18 -2.29 -6.07 9.22
CA ILE B 18 -2.07 -4.63 9.09
C ILE B 18 -0.57 -4.32 9.04
N ILE B 19 0.19 -4.86 9.98
CA ILE B 19 1.63 -4.61 10.01
C ILE B 19 2.28 -5.04 8.69
N ASP B 20 1.95 -6.24 8.23
CA ASP B 20 2.52 -6.73 6.97
C ASP B 20 2.17 -5.81 5.81
N ASP B 21 0.92 -5.35 5.74
CA ASP B 21 0.50 -4.50 4.63
C ASP B 21 1.28 -3.19 4.61
N ARG B 22 1.40 -2.51 5.76
CA ARG B 22 2.15 -1.27 5.79
C ARG B 22 3.62 -1.51 5.52
N TYR B 23 4.15 -2.65 5.97
CA TYR B 23 5.55 -2.99 5.71
C TYR B 23 5.80 -3.14 4.20
N GLU B 24 4.97 -3.94 3.52
CA GLU B 24 5.11 -4.08 2.07
C GLU B 24 4.99 -2.72 1.38
N SER B 25 4.10 -1.86 1.86
CA SER B 25 3.96 -0.55 1.24
C SER B 25 5.25 0.27 1.41
N LEU B 26 5.80 0.31 2.61
CA LEU B 26 7.02 1.09 2.82
C LEU B 26 8.18 0.53 2.02
N LYS B 27 8.33 -0.81 1.99
CA LYS B 27 9.31 -1.44 1.10
C LYS B 27 9.14 -0.95 -0.34
N ASN B 28 7.92 -1.05 -0.87
CA ASN B 28 7.67 -0.66 -2.25
C ASN B 28 8.06 0.80 -2.47
N LEU B 29 7.68 1.68 -1.54
CA LEU B 29 8.02 3.09 -1.69
C LEU B 29 9.54 3.30 -1.70
N ILE B 30 10.24 2.71 -0.73
CA ILE B 30 11.69 2.84 -0.67
C ILE B 30 12.33 2.38 -1.97
N THR B 31 11.90 1.22 -2.48
CA THR B 31 12.41 0.73 -3.74
C THR B 31 12.10 1.71 -4.88
N LEU B 32 10.86 2.20 -4.92
CA LEU B 32 10.46 3.15 -5.96
C LEU B 32 11.39 4.37 -5.99
N ARG B 33 11.58 5.03 -4.85
CA ARG B 33 12.33 6.28 -4.84
C ARG B 33 13.82 6.02 -5.05
N ALA B 34 14.35 4.92 -4.50
CA ALA B 34 15.76 4.58 -4.71
C ALA B 34 16.03 4.27 -6.17
N ASP B 35 15.19 3.44 -6.79
CA ASP B 35 15.32 3.16 -8.22
C ASP B 35 15.33 4.45 -9.03
N ARG B 36 14.40 5.35 -8.72
CA ARG B 36 14.31 6.61 -9.46
C ARG B 36 15.56 7.47 -9.26
N LEU B 37 16.06 7.57 -8.03
CA LEU B 37 17.27 8.33 -7.80
C LEU B 37 18.43 7.76 -8.60
N GLU B 38 18.52 6.43 -8.68
CA GLU B 38 19.57 5.81 -9.48
C GLU B 38 19.42 6.20 -10.95
N MET B 39 18.19 6.13 -11.48
CA MET B 39 17.98 6.50 -12.88
C MET B 39 18.37 7.95 -13.11
N ILE B 40 17.90 8.86 -12.25
CA ILE B 40 18.22 10.27 -12.38
C ILE B 40 19.72 10.49 -12.41
N ILE B 41 20.43 9.87 -11.46
CA ILE B 41 21.88 10.06 -11.37
C ILE B 41 22.56 9.59 -12.66
N ASN B 42 22.23 8.36 -13.10
CA ASN B 42 22.85 7.85 -14.31
C ASN B 42 22.50 8.71 -15.52
N ASP B 43 21.29 9.27 -15.56
CA ASP B 43 20.93 10.17 -16.64
C ASP B 43 21.84 11.40 -16.65
N ASN B 44 21.91 12.10 -15.52
CA ASN B 44 22.70 13.34 -15.48
C ASN B 44 24.17 13.08 -15.76
N VAL B 45 24.70 11.96 -15.25
CA VAL B 45 26.09 11.60 -15.53
C VAL B 45 26.33 11.56 -17.03
N SER B 46 25.38 11.02 -17.78
CA SER B 46 25.52 10.96 -19.23
C SER B 46 25.54 12.36 -19.83
N THR B 47 24.69 13.26 -19.32
CA THR B 47 24.64 14.61 -19.85
C THR B 47 25.95 15.35 -19.60
N ILE B 48 26.48 15.26 -18.37
CA ILE B 48 27.74 15.93 -18.06
C ILE B 48 28.87 15.38 -18.93
N LEU B 49 28.94 14.05 -19.04
CA LEU B 49 29.96 13.45 -19.90
C LEU B 49 29.68 13.71 -21.37
N ALA B 50 28.41 13.92 -21.74
CA ALA B 50 28.07 14.20 -23.12
C ALA B 50 28.32 15.65 -23.51
N SER B 51 28.46 16.55 -22.54
CA SER B 51 28.75 17.95 -22.78
C SER B 51 30.23 18.28 -22.63
N ILE B 52 31.08 17.27 -22.47
CA ILE B 52 32.51 17.47 -22.26
C ILE B 52 32.87 17.08 -20.83
N ILE C 4 13.74 11.01 -25.14
CA ILE C 4 12.84 10.97 -23.99
C ILE C 4 13.39 10.03 -22.92
N ASN C 5 14.65 10.28 -22.51
CA ASN C 5 15.31 9.45 -21.51
C ASN C 5 14.61 9.57 -20.16
N GLU C 6 14.85 10.68 -19.45
CA GLU C 6 14.17 10.89 -18.17
C GLU C 6 12.67 11.09 -18.35
N THR C 7 12.23 11.53 -19.54
CA THR C 7 10.80 11.77 -19.76
C THR C 7 9.99 10.50 -19.59
N ALA C 8 10.39 9.41 -20.26
CA ALA C 8 9.71 8.13 -20.07
C ALA C 8 9.71 7.74 -18.60
N ASP C 9 10.87 7.87 -17.94
CA ASP C 9 10.94 7.57 -16.51
C ASP C 9 9.99 8.44 -15.70
N ASP C 10 9.91 9.74 -16.04
CA ASP C 10 8.98 10.64 -15.35
C ASP C 10 7.54 10.22 -15.59
N ILE C 11 7.20 9.82 -16.81
CA ILE C 11 5.85 9.36 -17.10
C ILE C 11 5.53 8.12 -16.25
N VAL C 12 6.42 7.14 -16.28
CA VAL C 12 6.21 5.91 -15.51
C VAL C 12 6.07 6.24 -14.02
N TYR C 13 6.98 7.08 -13.51
CA TYR C 13 6.95 7.40 -12.08
C TYR C 13 5.64 8.06 -11.69
N ARG C 14 5.31 9.19 -12.33
CA ARG C 14 4.12 9.93 -11.97
C ARG C 14 2.87 9.04 -12.02
N LEU C 15 2.75 8.22 -13.06
CA LEU C 15 1.59 7.35 -13.17
C LEU C 15 1.63 6.21 -12.14
N THR C 16 2.83 5.78 -11.74
CA THR C 16 2.92 4.77 -10.69
C THR C 16 2.42 5.32 -9.36
N VAL C 17 2.81 6.56 -9.03
CA VAL C 17 2.28 7.20 -7.83
C VAL C 17 0.75 7.27 -7.89
N ILE C 18 0.21 7.71 -9.03
CA ILE C 18 -1.25 7.76 -9.17
C ILE C 18 -1.85 6.39 -8.93
N ILE C 19 -1.33 5.37 -9.62
CA ILE C 19 -1.84 4.02 -9.46
C ILE C 19 -1.72 3.55 -8.02
N ASP C 20 -0.54 3.74 -7.42
CA ASP C 20 -0.37 3.40 -6.00
C ASP C 20 -1.43 4.09 -5.14
N ASP C 21 -1.63 5.39 -5.36
CA ASP C 21 -2.57 6.15 -4.54
C ASP C 21 -3.97 5.56 -4.59
N ARG C 22 -4.50 5.33 -5.80
CA ARG C 22 -5.87 4.83 -5.89
C ARG C 22 -5.97 3.39 -5.43
N TYR C 23 -4.86 2.64 -5.54
CA TYR C 23 -4.85 1.27 -5.06
C TYR C 23 -4.97 1.23 -3.55
N GLU C 24 -4.25 2.11 -2.86
CA GLU C 24 -4.31 2.13 -1.40
C GLU C 24 -5.68 2.60 -0.92
N SER C 25 -6.30 3.53 -1.65
CA SER C 25 -7.67 3.92 -1.35
C SER C 25 -8.63 2.74 -1.50
N LEU C 26 -8.58 2.04 -2.64
CA LEU C 26 -9.44 0.88 -2.82
C LEU C 26 -9.20 -0.16 -1.74
N LYS C 27 -7.93 -0.44 -1.46
CA LYS C 27 -7.56 -1.34 -0.38
C LYS C 27 -8.21 -0.90 0.94
N ASN C 28 -8.04 0.37 1.31
CA ASN C 28 -8.61 0.86 2.56
C ASN C 28 -10.12 0.69 2.58
N LEU C 29 -10.78 0.99 1.46
CA LEU C 29 -12.23 0.87 1.39
C LEU C 29 -12.68 -0.58 1.57
N ILE C 30 -12.10 -1.49 0.79
CA ILE C 30 -12.43 -2.91 0.94
C ILE C 30 -12.22 -3.35 2.37
N THR C 31 -11.11 -2.93 2.99
CA THR C 31 -10.84 -3.32 4.37
C THR C 31 -11.89 -2.75 5.31
N LEU C 32 -12.26 -1.48 5.13
CA LEU C 32 -13.22 -0.86 6.03
C LEU C 32 -14.59 -1.52 5.92
N ARG C 33 -15.02 -1.83 4.69
CA ARG C 33 -16.34 -2.44 4.51
C ARG C 33 -16.35 -3.87 5.03
N ALA C 34 -15.25 -4.61 4.85
CA ALA C 34 -15.17 -5.95 5.40
C ALA C 34 -15.25 -5.94 6.92
N ASP C 35 -14.42 -5.11 7.56
CA ASP C 35 -14.49 -4.97 9.01
C ASP C 35 -15.90 -4.62 9.46
N ARG C 36 -16.50 -3.64 8.79
CA ARG C 36 -17.84 -3.20 9.18
C ARG C 36 -18.86 -4.33 9.06
N LEU C 37 -18.76 -5.13 8.00
CA LEU C 37 -19.67 -6.27 7.86
C LEU C 37 -19.39 -7.33 8.92
N GLU C 38 -18.12 -7.58 9.23
CA GLU C 38 -17.81 -8.55 10.28
C GLU C 38 -18.40 -8.13 11.61
N MET C 39 -18.34 -6.84 11.93
CA MET C 39 -18.88 -6.37 13.21
C MET C 39 -20.40 -6.47 13.22
N ILE C 40 -21.05 -6.20 12.09
CA ILE C 40 -22.50 -6.26 12.01
C ILE C 40 -22.98 -7.69 12.14
N ILE C 41 -22.31 -8.63 11.46
CA ILE C 41 -22.68 -10.03 11.56
C ILE C 41 -22.58 -10.52 13.00
N ASN C 42 -21.48 -10.17 13.68
CA ASN C 42 -21.28 -10.65 15.04
C ASN C 42 -22.26 -10.02 16.02
N ASP C 43 -22.65 -8.77 15.81
CA ASP C 43 -23.63 -8.16 16.70
C ASP C 43 -25.04 -8.65 16.42
N ASN C 44 -25.35 -8.99 15.17
CA ASN C 44 -26.65 -9.59 14.89
C ASN C 44 -26.72 -11.03 15.39
N VAL C 45 -25.59 -11.72 15.45
CA VAL C 45 -25.57 -13.06 16.02
C VAL C 45 -25.57 -13.00 17.54
N SER C 46 -24.99 -11.94 18.12
CA SER C 46 -25.01 -11.80 19.58
C SER C 46 -26.42 -11.51 20.09
N THR C 47 -27.26 -10.91 19.27
CA THR C 47 -28.63 -10.60 19.66
C THR C 47 -29.62 -11.71 19.31
N ILE C 48 -29.33 -12.50 18.27
CA ILE C 48 -30.18 -13.65 17.97
C ILE C 48 -30.15 -14.64 19.12
N LEU C 49 -29.06 -14.65 19.89
CA LEU C 49 -29.01 -15.50 21.08
C LEU C 49 -29.98 -15.02 22.15
N ALA C 50 -30.13 -13.70 22.29
CA ALA C 50 -31.15 -13.14 23.16
C ALA C 50 -32.51 -13.23 22.48
N SER C 51 -33.51 -13.67 23.23
CA SER C 51 -34.85 -13.90 22.68
C SER C 51 -34.86 -15.14 21.81
N ILE D 4 8.30 17.45 -26.19
CA ILE D 4 8.00 16.18 -25.55
C ILE D 4 7.60 16.42 -24.10
N ASN D 5 7.71 17.68 -23.65
CA ASN D 5 7.29 18.02 -22.30
C ASN D 5 5.77 18.07 -22.19
N GLU D 6 5.12 18.84 -23.07
CA GLU D 6 3.66 18.82 -23.09
C GLU D 6 3.14 17.43 -23.41
N THR D 7 3.84 16.69 -24.27
CA THR D 7 3.43 15.33 -24.60
C THR D 7 3.40 14.45 -23.36
N ALA D 8 4.51 14.44 -22.60
CA ALA D 8 4.56 13.64 -21.37
C ALA D 8 3.45 14.03 -20.42
N ASP D 9 3.25 15.33 -20.21
CA ASP D 9 2.17 15.79 -19.33
C ASP D 9 0.81 15.37 -19.86
N ASP D 10 0.62 15.39 -21.18
CA ASP D 10 -0.62 14.92 -21.77
C ASP D 10 -0.86 13.44 -21.50
N ILE D 11 0.18 12.62 -21.73
CA ILE D 11 0.06 11.19 -21.45
C ILE D 11 -0.33 10.96 -20.00
N VAL D 12 0.38 11.61 -19.07
CA VAL D 12 0.09 11.43 -17.66
C VAL D 12 -1.34 11.91 -17.34
N TYR D 13 -1.71 13.08 -17.85
CA TYR D 13 -3.04 13.62 -17.54
C TYR D 13 -4.14 12.69 -18.05
N ARG D 14 -4.11 12.33 -19.33
CA ARG D 14 -5.15 11.50 -19.91
C ARG D 14 -5.30 10.18 -19.15
N LEU D 15 -4.17 9.51 -18.87
CA LEU D 15 -4.24 8.24 -18.16
C LEU D 15 -4.67 8.42 -16.71
N THR D 16 -4.35 9.56 -16.10
CA THR D 16 -4.83 9.81 -14.75
C THR D 16 -6.35 9.91 -14.75
N VAL D 17 -6.93 10.58 -15.74
CA VAL D 17 -8.39 10.65 -15.86
C VAL D 17 -8.98 9.25 -16.00
N ILE D 18 -8.38 8.43 -16.87
CA ILE D 18 -8.87 7.05 -17.04
C ILE D 18 -8.82 6.32 -15.71
N ILE D 19 -7.67 6.36 -15.03
CA ILE D 19 -7.50 5.65 -13.76
C ILE D 19 -8.49 6.18 -12.72
N ASP D 20 -8.62 7.50 -12.62
CA ASP D 20 -9.59 8.10 -11.71
C ASP D 20 -10.99 7.58 -11.99
N ASP D 21 -11.38 7.51 -13.27
CA ASP D 21 -12.74 7.08 -13.61
C ASP D 21 -12.99 5.64 -13.18
N ARG D 22 -12.06 4.73 -13.50
CA ARG D 22 -12.26 3.33 -13.15
C ARG D 22 -12.19 3.12 -11.64
N TYR D 23 -11.27 3.83 -10.98
CA TYR D 23 -11.24 3.78 -9.52
C TYR D 23 -12.59 4.21 -8.93
N GLU D 24 -13.16 5.30 -9.44
CA GLU D 24 -14.42 5.78 -8.88
CA GLU D 24 -14.43 5.79 -8.91
C GLU D 24 -15.56 4.79 -9.14
N SER D 25 -15.56 4.12 -10.30
CA SER D 25 -16.54 3.07 -10.55
C SER D 25 -16.37 1.90 -9.58
N LEU D 26 -15.13 1.45 -9.37
CA LEU D 26 -14.89 0.35 -8.45
C LEU D 26 -15.32 0.71 -7.04
N LYS D 27 -14.95 1.91 -6.59
CA LYS D 27 -15.38 2.38 -5.27
C LYS D 27 -16.91 2.35 -5.16
N ASN D 28 -17.60 2.87 -6.18
CA ASN D 28 -19.06 2.88 -6.15
C ASN D 28 -19.62 1.46 -6.09
N LEU D 29 -19.02 0.54 -6.84
CA LEU D 29 -19.49 -0.85 -6.81
C LEU D 29 -19.30 -1.45 -5.42
N ILE D 30 -18.09 -1.34 -4.87
CA ILE D 30 -17.82 -1.87 -3.54
C ILE D 30 -18.81 -1.29 -2.53
N THR D 31 -19.00 0.02 -2.57
CA THR D 31 -19.94 0.65 -1.65
C THR D 31 -21.35 0.11 -1.84
N LEU D 32 -21.80 0.05 -3.10
CA LEU D 32 -23.15 -0.42 -3.37
C LEU D 32 -23.37 -1.83 -2.85
N ARG D 33 -22.49 -2.77 -3.23
CA ARG D 33 -22.69 -4.15 -2.80
C ARG D 33 -22.57 -4.27 -1.28
N ALA D 34 -21.85 -3.35 -0.65
CA ALA D 34 -21.67 -3.41 0.81
C ALA D 34 -22.94 -2.98 1.52
N ASP D 35 -23.47 -1.83 1.13
CA ASP D 35 -24.77 -1.41 1.65
C ASP D 35 -25.81 -2.50 1.43
N ARG D 36 -25.80 -3.13 0.25
CA ARG D 36 -26.77 -4.16 -0.06
C ARG D 36 -26.63 -5.36 0.88
N LEU D 37 -25.39 -5.73 1.20
CA LEU D 37 -25.19 -6.86 2.11
C LEU D 37 -25.61 -6.50 3.54
N GLU D 38 -25.30 -5.28 3.98
CA GLU D 38 -25.73 -4.85 5.31
C GLU D 38 -27.25 -4.86 5.43
N MET D 39 -27.95 -4.49 4.35
CA MET D 39 -29.41 -4.48 4.39
C MET D 39 -29.97 -5.90 4.39
N ILE D 40 -29.39 -6.78 3.58
CA ILE D 40 -29.84 -8.18 3.57
C ILE D 40 -29.61 -8.81 4.94
N ILE D 41 -28.51 -8.47 5.58
CA ILE D 41 -28.19 -9.04 6.89
C ILE D 41 -29.15 -8.53 7.96
N ASN D 42 -29.41 -7.22 7.97
CA ASN D 42 -30.27 -6.64 9.00
C ASN D 42 -31.74 -6.99 8.81
N ASP D 43 -32.15 -7.38 7.60
CA ASP D 43 -33.50 -7.85 7.40
C ASP D 43 -33.64 -9.35 7.58
N ASN D 44 -32.53 -10.07 7.75
CA ASN D 44 -32.59 -11.47 8.17
C ASN D 44 -32.52 -11.62 9.68
N VAL D 45 -31.93 -10.65 10.38
CA VAL D 45 -31.99 -10.66 11.84
C VAL D 45 -33.40 -10.33 12.32
N SER D 46 -34.06 -9.38 11.65
CA SER D 46 -35.44 -9.06 12.00
C SER D 46 -36.38 -10.20 11.67
N THR D 47 -36.01 -11.05 10.70
CA THR D 47 -36.82 -12.23 10.39
C THR D 47 -36.57 -13.34 11.40
N ILE D 48 -35.29 -13.63 11.68
CA ILE D 48 -34.96 -14.64 12.67
C ILE D 48 -35.59 -14.31 14.02
N LEU D 49 -35.69 -13.02 14.34
CA LEU D 49 -36.39 -12.63 15.56
C LEU D 49 -37.89 -12.88 15.43
N ALA D 50 -38.44 -12.71 14.22
CA ALA D 50 -39.87 -12.84 14.01
C ALA D 50 -40.31 -14.30 14.02
N SER D 51 -39.89 -15.07 13.01
CA SER D 51 -40.34 -16.45 12.89
C SER D 51 -40.07 -17.24 14.17
N ILE D 52 -38.86 -17.12 14.71
CA ILE D 52 -38.51 -17.82 15.94
C ILE D 52 -38.41 -16.82 17.10
C01 8P0 E . 8.81 -2.30 12.31
C02 8P0 E . 8.01 -2.70 11.26
C03 8P0 E . 6.98 -1.89 10.82
C04 8P0 E . 6.12 -2.26 9.73
C05 8P0 E . 5.11 -1.46 9.32
C06 8P0 E . 4.86 -0.19 9.94
C07 8P0 E . 3.85 0.65 9.53
C08 8P0 E . 3.64 1.86 10.16
C09 8P0 E . 4.44 2.24 11.21
C10 8P0 E . 5.46 1.43 11.64
C11 8P0 E . 5.69 0.19 11.01
C12 8P0 E . 6.75 -0.65 11.45
C13 8P0 E . 7.57 -0.26 12.52
C14 8P0 E . 8.59 -1.09 12.93
C15 8P0 E . 7.32 1.00 13.14
C16 8P0 E . 6.31 1.81 12.72
H011 8P0 E . 9.50 -2.84 12.61
H021 8P0 E . 8.19 -3.52 10.88
H041 8P0 E . 6.25 -3.08 9.31
H051 8P0 E . 4.57 -1.72 8.62
H071 8P0 E . 3.28 0.42 8.83
H081 8P0 E . 2.96 2.41 9.88
H091 8P0 E . 4.28 3.07 11.62
H141 8P0 E . 9.14 -0.85 13.64
H151 8P0 E . 7.86 1.27 13.85
H161 8P0 E . 6.17 2.62 13.14
C01 8P0 F . 14.21 9.67 0.76
C02 8P0 F . 14.88 9.31 1.91
C03 8P0 F . 15.77 8.26 1.87
C04 8P0 F . 16.51 7.81 3.02
C05 8P0 F . 17.37 6.79 2.96
C06 8P0 F . 17.60 6.07 1.73
C07 8P0 F . 18.48 5.03 1.64
C08 8P0 F . 18.65 4.39 0.45
C09 8P0 F . 17.98 4.76 -0.69
C10 8P0 F . 17.11 5.80 -0.63
C11 8P0 F . 16.90 6.49 0.59
C12 8P0 F . 15.99 7.57 0.65
C13 8P0 F . 15.30 7.96 -0.49
C14 8P0 F . 14.43 8.99 -0.43
C15 8P0 F . 15.53 7.25 -1.72
C16 8P0 F . 16.39 6.23 -1.78
H011 8P0 F . 13.60 10.39 0.77
H021 8P0 F . 14.71 9.78 2.68
H041 8P0 F . 16.38 8.26 3.83
H051 8P0 F . 17.84 6.52 3.71
H071 8P0 F . 18.96 4.73 2.38
H081 8P0 F . 19.26 3.68 0.39
H091 8P0 F . 18.14 4.30 -1.47
H141 8P0 F . 13.96 9.27 -1.18
H151 8P0 F . 15.06 7.51 -2.48
H161 8P0 F . 16.52 5.78 -2.59
C1 EDO G . 6.05 -16.49 17.89
O1 EDO G . 6.01 -15.39 18.80
C2 EDO G . 7.50 -16.85 17.56
O2 EDO G . 8.38 -16.40 18.59
H11 EDO G . 5.55 -17.36 18.34
H12 EDO G . 5.52 -16.24 16.97
HO1 EDO G . 5.09 -15.17 19.00
H21 EDO G . 7.59 -17.94 17.45
H22 EDO G . 7.78 -16.40 16.61
HO2 EDO G . 9.29 -16.62 18.36
C01 8P0 H . -8.18 -1.53 -13.61
C02 8P0 H . -8.63 -0.29 -13.19
C03 8P0 H . -8.00 0.36 -12.14
C04 8P0 H . -8.42 1.64 -11.65
C05 8P0 H . -7.79 2.24 -10.63
C06 8P0 H . -6.68 1.63 -9.96
C07 8P0 H . -6.03 2.24 -8.92
C08 8P0 H . -4.95 1.62 -8.30
C09 8P0 H . -4.51 0.39 -8.72
C10 8P0 H . -5.15 -0.24 -9.78
C11 8P0 H . -6.24 0.38 -10.41
C12 8P0 H . -6.91 -0.27 -11.50
C13 8P0 H . -6.47 -1.51 -11.95
C14 8P0 H . -7.11 -2.13 -12.98
C15 8P0 H . -5.35 -2.12 -11.28
C16 8P0 H . -4.73 -1.52 -10.26
H011 8P0 H . -8.60 -1.96 -14.31
H021 8P0 H . -9.35 0.08 -13.64
H041 8P0 H . -9.14 2.06 -12.06
H051 8P0 H . -8.08 3.08 -10.33
H071 8P0 H . -6.28 3.06 -8.60
H081 8P0 H . -4.52 2.04 -7.59
H091 8P0 H . -3.79 -0.01 -8.30
H141 8P0 H . -6.84 -2.96 -13.29
H151 8P0 H . -5.06 -2.96 -11.58
H161 8P0 H . -4.00 -1.93 -9.84
C01 8P0 I . -14.48 -9.62 0.62
C02 8P0 I . -15.35 -9.91 -0.42
C03 8P0 I . -16.34 -9.02 -0.76
C04 8P0 I . -17.28 -9.27 -1.83
C05 8P0 I . -18.23 -8.39 -2.14
C06 8P0 I . -18.37 -7.14 -1.44
C07 8P0 I . -19.35 -6.22 -1.75
C08 8P0 I . -19.46 -5.04 -1.05
C09 8P0 I . -18.58 -4.77 -0.01
C10 8P0 I . -17.60 -5.67 0.32
C11 8P0 I . -17.48 -6.88 -0.39
C12 8P0 I . -16.47 -7.81 -0.06
C13 8P0 I . -15.57 -7.54 0.99
C14 8P0 I . -14.60 -8.44 1.32
C15 8P0 I . -15.72 -6.30 1.71
C16 8P0 I . -16.68 -5.41 1.39
H011 8P0 I . -13.81 -10.23 0.85
H021 8P0 I . -15.24 -10.72 -0.87
H041 8P0 I . -17.21 -10.06 -2.31
H051 8P0 I . -18.82 -8.56 -2.83
H071 8P0 I . -19.95 -6.38 -2.44
H081 8P0 I . -20.11 -4.43 -1.26
H091 8P0 I . -18.68 -3.97 0.45
H141 8P0 I . -14.00 -8.27 2.01
H151 8P0 I . -15.13 -6.12 2.40
H161 8P0 I . -16.75 -4.62 1.86
#